data_5VH6
#
_entry.id   5VH6
#
_cell.length_a   56.672
_cell.length_b   56.672
_cell.length_c   248.722
_cell.angle_alpha   90.00
_cell.angle_beta   90.00
_cell.angle_gamma   90.00
#
_symmetry.space_group_name_H-M   'P 43 21 2'
#
loop_
_entity.id
_entity.type
_entity.pdbx_description
1 polymer 'Elongation factor G'
2 non-polymer 'CHLORIDE ION'
3 water water
#
_entity_poly.entity_id   1
_entity_poly.type   'polypeptide(L)'
_entity_poly.pdbx_seq_one_letter_code
;SNAMAREFSLEKTRNIGIMAHIDAGKTTTTERILFYTGRIHKIGETHEGASQMDWMEQEQERGITITSAATTAQWKGYRV
NIIDTPGHVDFTVEVERSLRVLDGAVAVLDAQSGVEPQTETVWRQATTYGVPRIVFVNKMDKIGADFLYSVGTLRDRLQA
NAHAIQLPIGAEDNFEGIIDLVENVAYFYEDDLGTRSDAKEIPEEYKEQAEELRNSLIEAVCELDEELMDKYLEGEEITI
DELKAGIRKGTLNVEFYPVLVGSAFKNKGVQLVLDAVLDYLPAPTDVAAIKGTRPDTNEEIERHSSDEEPFSALAFKVMT
DPYVGKLTFFRVYSGTLDSGSYVKNSTKGKRERVGRILQMHANSREEISTVYAGDIAAAVGLKDTTTGDTLCDEKDLVIL
ESMEFPEPV
;
_entity_poly.pdbx_strand_id   A
#
# COMPACT_ATOMS: atom_id res chain seq x y z
N ALA A 3 -13.03 7.11 25.52
CA ALA A 3 -14.25 6.29 25.23
C ALA A 3 -14.70 6.47 23.78
N MET A 4 -13.87 6.00 22.85
CA MET A 4 -14.13 6.09 21.41
C MET A 4 -14.16 4.70 20.78
N ALA A 5 -14.95 4.56 19.71
CA ALA A 5 -15.05 3.32 18.94
C ALA A 5 -14.17 3.51 17.70
N ARG A 6 -14.07 2.48 16.84
CA ARG A 6 -13.26 2.60 15.62
C ARG A 6 -13.91 3.60 14.69
N GLU A 7 -13.12 4.52 14.14
CA GLU A 7 -13.66 5.49 13.19
C GLU A 7 -13.73 4.76 11.85
N PHE A 8 -12.70 3.95 11.57
CA PHE A 8 -12.59 3.16 10.34
C PHE A 8 -12.47 1.67 10.67
N SER A 9 -13.24 0.83 9.97
CA SER A 9 -13.23 -0.61 10.20
C SER A 9 -11.98 -1.27 9.60
N LEU A 10 -11.78 -2.55 9.91
CA LEU A 10 -10.65 -3.30 9.36
C LEU A 10 -10.71 -3.32 7.84
N GLU A 11 -11.86 -3.74 7.31
CA GLU A 11 -12.06 -3.81 5.86
C GLU A 11 -11.79 -2.50 5.14
N LYS A 12 -12.01 -1.37 5.83
CA LYS A 12 -11.75 -0.06 5.25
C LYS A 12 -10.48 0.56 5.79
N THR A 13 -9.42 -0.24 5.79
CA THR A 13 -8.09 0.18 6.24
C THR A 13 -7.08 -0.25 5.18
N ARG A 14 -6.12 0.61 4.88
CA ARG A 14 -5.08 0.34 3.88
C ARG A 14 -3.71 0.75 4.38
N ASN A 15 -2.92 -0.23 4.81
CA ASN A 15 -1.55 0.01 5.26
C ASN A 15 -0.70 -0.15 4.02
N ILE A 16 -0.17 0.95 3.50
CA ILE A 16 0.64 0.89 2.27
C ILE A 16 2.02 1.50 2.39
N GLY A 17 2.88 1.04 1.49
CA GLY A 17 4.25 1.51 1.38
C GLY A 17 4.49 1.80 -0.08
N ILE A 18 5.44 2.68 -0.37
CA ILE A 18 5.77 3.04 -1.74
C ILE A 18 7.18 2.56 -2.03
N MET A 19 7.29 1.60 -2.95
CA MET A 19 8.57 1.00 -3.34
C MET A 19 9.10 1.65 -4.61
N ALA A 20 10.18 2.42 -4.48
CA ALA A 20 10.79 3.10 -5.63
C ALA A 20 12.09 3.80 -5.27
N HIS A 21 12.89 4.09 -6.29
CA HIS A 21 14.15 4.79 -6.11
C HIS A 21 13.89 6.29 -6.16
N ILE A 22 14.88 7.08 -5.79
CA ILE A 22 14.74 8.53 -5.82
C ILE A 22 14.58 8.98 -7.28
N ASP A 23 15.21 8.25 -8.21
CA ASP A 23 15.12 8.53 -9.65
C ASP A 23 13.73 8.24 -10.21
N ALA A 24 13.05 7.25 -9.63
CA ALA A 24 11.69 6.89 -10.08
C ALA A 24 10.65 7.91 -9.61
N GLY A 25 11.05 8.82 -8.72
CA GLY A 25 10.16 9.87 -8.21
C GLY A 25 9.37 9.46 -6.99
N LYS A 26 9.98 8.68 -6.09
CA LYS A 26 9.31 8.22 -4.88
C LYS A 26 8.87 9.38 -3.99
N THR A 27 9.79 10.31 -3.74
CA THR A 27 9.50 11.46 -2.89
C THR A 27 8.38 12.33 -3.44
N THR A 28 8.49 12.76 -4.70
CA THR A 28 7.45 13.60 -5.30
C THR A 28 6.10 12.84 -5.38
N THR A 29 6.14 11.52 -5.56
CA THR A 29 4.93 10.70 -5.60
C THR A 29 4.27 10.69 -4.24
N THR A 30 5.10 10.49 -3.21
CA THR A 30 4.66 10.45 -1.83
C THR A 30 4.00 11.76 -1.40
N GLU A 31 4.58 12.89 -1.79
CA GLU A 31 4.03 14.20 -1.43
C GLU A 31 2.62 14.42 -1.99
N ARG A 32 2.38 13.91 -3.20
CA ARG A 32 1.05 14.04 -3.81
C ARG A 32 0.01 13.20 -3.07
N ILE A 33 0.39 11.99 -2.68
CA ILE A 33 -0.51 11.09 -1.93
C ILE A 33 -0.88 11.71 -0.57
N LEU A 34 0.10 12.29 0.12
CA LEU A 34 -0.15 12.91 1.41
C LEU A 34 -1.09 14.13 1.29
N PHE A 35 -0.98 14.85 0.17
CA PHE A 35 -1.83 16.02 -0.05
C PHE A 35 -3.29 15.63 -0.22
N TYR A 36 -3.54 14.72 -1.16
CA TYR A 36 -4.91 14.27 -1.41
C TYR A 36 -5.54 13.55 -0.23
N THR A 37 -4.72 12.84 0.55
CA THR A 37 -5.23 12.09 1.69
C THR A 37 -5.31 12.85 3.02
N GLY A 38 -4.94 14.14 3.04
CA GLY A 38 -4.99 14.93 4.28
C GLY A 38 -5.84 16.17 4.24
N ARG A 39 -6.87 16.18 3.39
CA ARG A 39 -7.75 17.36 3.25
C ARG A 39 -8.86 17.44 4.31
N ILE A 40 -9.22 18.67 4.66
CA ILE A 40 -10.27 18.98 5.65
C ILE A 40 -9.95 18.35 7.01
N ILE A 66 11.96 15.69 7.93
CA ILE A 66 10.64 16.07 7.42
C ILE A 66 9.78 14.84 7.09
N THR A 67 10.41 13.78 6.58
CA THR A 67 9.69 12.55 6.21
C THR A 67 9.20 11.80 7.46
N SER A 68 7.87 11.70 7.59
CA SER A 68 7.25 11.02 8.71
C SER A 68 7.36 9.49 8.54
N ALA A 69 7.69 8.81 9.63
CA ALA A 69 7.84 7.34 9.63
C ALA A 69 6.57 6.65 9.14
N ALA A 70 5.44 7.17 9.56
CA ALA A 70 4.13 6.67 9.17
C ALA A 70 3.16 7.84 9.24
N THR A 71 2.33 8.00 8.20
CA THR A 71 1.37 9.11 8.17
C THR A 71 -0.06 8.62 8.10
N THR A 72 -0.84 8.99 9.11
CA THR A 72 -2.24 8.61 9.20
C THR A 72 -3.01 9.52 8.27
N ALA A 73 -3.79 8.93 7.36
CA ALA A 73 -4.55 9.69 6.37
C ALA A 73 -5.81 8.94 5.98
N GLN A 74 -6.57 9.49 5.04
CA GLN A 74 -7.81 8.84 4.57
C GLN A 74 -8.09 9.10 3.09
N TRP A 75 -9.03 8.32 2.53
CA TRP A 75 -9.41 8.47 1.13
C TRP A 75 -10.76 7.78 0.87
N LYS A 76 -11.77 8.60 0.57
CA LYS A 76 -13.13 8.12 0.27
C LYS A 76 -13.67 7.11 1.29
N GLY A 77 -13.55 7.47 2.57
CA GLY A 77 -14.04 6.65 3.68
C GLY A 77 -13.14 5.52 4.13
N TYR A 78 -11.90 5.51 3.67
CA TYR A 78 -10.92 4.48 4.03
C TYR A 78 -9.74 5.04 4.77
N ARG A 79 -9.29 4.32 5.80
CA ARG A 79 -8.10 4.70 6.54
C ARG A 79 -6.93 4.30 5.67
N VAL A 80 -6.03 5.23 5.41
CA VAL A 80 -4.85 4.94 4.60
C VAL A 80 -3.63 5.39 5.40
N ASN A 81 -2.80 4.42 5.77
CA ASN A 81 -1.58 4.69 6.53
C ASN A 81 -0.42 4.56 5.57
N ILE A 82 0.26 5.67 5.31
CA ILE A 82 1.41 5.64 4.38
C ILE A 82 2.67 5.40 5.20
N ILE A 83 3.21 4.19 5.08
CA ILE A 83 4.42 3.78 5.80
C ILE A 83 5.66 4.11 4.98
N ASP A 84 6.59 4.84 5.56
CA ASP A 84 7.82 5.18 4.86
C ASP A 84 8.68 3.92 4.78
N THR A 85 9.35 3.74 3.65
CA THR A 85 10.22 2.58 3.44
C THR A 85 11.63 3.08 3.11
N PRO A 86 12.65 2.22 3.29
CA PRO A 86 14.01 2.64 3.00
C PRO A 86 14.34 2.49 1.52
N GLY A 87 15.50 3.00 1.10
CA GLY A 87 15.95 2.93 -0.30
C GLY A 87 17.18 2.06 -0.48
N HIS A 88 17.26 0.96 0.28
CA HIS A 88 18.41 0.03 0.20
C HIS A 88 18.43 -0.78 -1.09
N VAL A 89 19.58 -1.41 -1.33
CA VAL A 89 19.81 -2.27 -2.49
C VAL A 89 20.38 -3.63 -2.02
N ASP A 90 20.14 -3.96 -0.74
CA ASP A 90 20.62 -5.20 -0.13
C ASP A 90 19.48 -6.03 0.48
N PHE A 91 19.83 -7.19 1.05
CA PHE A 91 18.87 -8.09 1.69
C PHE A 91 18.84 -7.79 3.20
N THR A 92 18.69 -6.51 3.55
CA THR A 92 18.68 -6.09 4.96
C THR A 92 17.47 -6.59 5.75
N VAL A 93 17.65 -6.69 7.06
CA VAL A 93 16.60 -7.12 7.97
C VAL A 93 15.54 -6.01 8.14
N GLU A 94 15.96 -4.76 7.91
CA GLU A 94 15.06 -3.60 8.02
C GLU A 94 13.93 -3.65 6.97
N VAL A 95 14.23 -4.19 5.80
CA VAL A 95 13.24 -4.31 4.72
C VAL A 95 12.20 -5.36 5.11
N GLU A 96 12.67 -6.51 5.62
CA GLU A 96 11.76 -7.59 6.05
C GLU A 96 10.72 -7.05 7.04
N ARG A 97 11.18 -6.22 7.97
CA ARG A 97 10.32 -5.61 8.98
C ARG A 97 9.39 -4.59 8.32
N SER A 98 9.95 -3.81 7.40
CA SER A 98 9.18 -2.81 6.65
C SER A 98 8.08 -3.48 5.80
N LEU A 99 8.34 -4.70 5.33
CA LEU A 99 7.37 -5.46 4.53
C LEU A 99 6.26 -6.07 5.39
N ARG A 100 6.58 -6.38 6.65
CA ARG A 100 5.57 -6.93 7.57
C ARG A 100 4.62 -5.85 8.03
N VAL A 101 5.19 -4.70 8.39
CA VAL A 101 4.40 -3.56 8.89
C VAL A 101 3.34 -3.13 7.87
N LEU A 102 3.71 -3.08 6.60
CA LEU A 102 2.76 -2.74 5.55
C LEU A 102 2.06 -4.01 5.13
N ASP A 103 0.91 -3.86 4.47
CA ASP A 103 0.12 -4.99 3.97
C ASP A 103 0.22 -5.03 2.45
N GLY A 104 0.07 -3.87 1.81
CA GLY A 104 0.16 -3.71 0.37
C GLY A 104 1.18 -2.66 0.01
N ALA A 105 1.53 -2.57 -1.27
CA ALA A 105 2.53 -1.60 -1.73
C ALA A 105 2.27 -1.07 -3.13
N VAL A 106 2.78 0.14 -3.37
CA VAL A 106 2.67 0.80 -4.67
C VAL A 106 4.08 0.90 -5.26
N ALA A 107 4.38 0.07 -6.24
CA ALA A 107 5.69 0.07 -6.90
C ALA A 107 5.71 1.13 -8.00
N VAL A 108 6.51 2.18 -7.82
CA VAL A 108 6.60 3.25 -8.80
C VAL A 108 7.78 3.05 -9.77
N LEU A 109 7.50 3.05 -11.07
CA LEU A 109 8.52 2.88 -12.11
C LEU A 109 8.71 4.17 -12.91
N ASP A 110 9.92 4.35 -13.44
CA ASP A 110 10.24 5.49 -14.26
C ASP A 110 9.83 5.13 -15.69
N ALA A 111 9.02 5.98 -16.32
CA ALA A 111 8.53 5.74 -17.68
C ALA A 111 9.65 5.62 -18.73
N GLN A 112 10.76 6.31 -18.51
CA GLN A 112 11.90 6.30 -19.43
C GLN A 112 12.74 5.03 -19.37
N SER A 113 13.29 4.75 -18.18
CA SER A 113 14.14 3.58 -17.97
C SER A 113 13.33 2.29 -17.84
N GLY A 114 12.28 2.34 -17.03
CA GLY A 114 11.43 1.18 -16.78
C GLY A 114 11.86 0.53 -15.48
N VAL A 115 12.50 -0.64 -15.58
CA VAL A 115 12.94 -1.40 -14.41
C VAL A 115 14.48 -1.45 -14.30
N GLU A 116 15.02 -0.78 -13.28
CA GLU A 116 16.46 -0.77 -13.03
C GLU A 116 16.87 -2.08 -12.36
N PRO A 117 18.19 -2.37 -12.29
CA PRO A 117 18.62 -3.60 -11.62
C PRO A 117 18.33 -3.59 -10.11
N GLN A 118 18.27 -2.39 -9.54
CA GLN A 118 18.02 -2.21 -8.11
C GLN A 118 16.52 -2.28 -7.73
N THR A 119 15.63 -2.16 -8.71
CA THR A 119 14.19 -2.27 -8.46
C THR A 119 13.82 -3.75 -8.38
N GLU A 120 14.63 -4.58 -9.06
CA GLU A 120 14.43 -6.02 -9.09
C GLU A 120 14.65 -6.65 -7.71
N THR A 121 15.75 -6.26 -7.06
CA THR A 121 16.07 -6.77 -5.72
C THR A 121 14.96 -6.42 -4.71
N VAL A 122 14.36 -5.23 -4.86
CA VAL A 122 13.27 -4.80 -3.98
C VAL A 122 12.01 -5.63 -4.26
N TRP A 123 11.73 -5.82 -5.55
CA TRP A 123 10.55 -6.56 -6.00
C TRP A 123 10.51 -8.02 -5.52
N ARG A 124 11.63 -8.73 -5.67
CA ARG A 124 11.71 -10.14 -5.26
C ARG A 124 11.56 -10.37 -3.75
N GLN A 125 12.00 -9.39 -2.95
CA GLN A 125 11.87 -9.48 -1.49
C GLN A 125 10.39 -9.39 -1.10
N ALA A 126 9.67 -8.50 -1.79
CA ALA A 126 8.24 -8.31 -1.55
C ALA A 126 7.46 -9.58 -1.89
N THR A 127 7.88 -10.26 -2.96
CA THR A 127 7.23 -11.50 -3.40
C THR A 127 7.42 -12.63 -2.39
N THR A 128 8.59 -12.65 -1.73
CA THR A 128 8.89 -13.68 -0.72
C THR A 128 7.91 -13.58 0.44
N TYR A 129 7.69 -12.35 0.93
CA TYR A 129 6.75 -12.10 2.02
C TYR A 129 5.27 -11.97 1.57
N GLY A 130 5.03 -12.20 0.27
CA GLY A 130 3.67 -12.15 -0.29
C GLY A 130 2.97 -10.82 -0.16
N VAL A 131 3.64 -9.77 -0.63
CA VAL A 131 3.11 -8.42 -0.57
C VAL A 131 2.39 -8.04 -1.87
N PRO A 132 1.06 -7.81 -1.82
CA PRO A 132 0.37 -7.39 -3.04
C PRO A 132 0.86 -6.03 -3.49
N ARG A 133 0.95 -5.82 -4.80
CA ARG A 133 1.45 -4.58 -5.36
C ARG A 133 0.75 -4.13 -6.61
N ILE A 134 0.53 -2.82 -6.69
CA ILE A 134 -0.02 -2.20 -7.89
C ILE A 134 1.17 -1.40 -8.41
N VAL A 135 1.28 -1.26 -9.72
CA VAL A 135 2.39 -0.54 -10.31
C VAL A 135 1.92 0.79 -10.87
N PHE A 136 2.76 1.81 -10.74
CA PHE A 136 2.44 3.15 -11.22
C PHE A 136 3.62 3.69 -12.02
N VAL A 137 3.47 3.70 -13.35
CA VAL A 137 4.50 4.20 -14.25
C VAL A 137 4.46 5.73 -14.20
N ASN A 138 5.37 6.29 -13.41
CA ASN A 138 5.47 7.74 -13.18
C ASN A 138 6.32 8.44 -14.26
N LYS A 139 6.22 9.77 -14.27
CA LYS A 139 6.96 10.63 -15.20
C LYS A 139 6.62 10.38 -16.66
N MET A 140 5.31 10.36 -16.93
CA MET A 140 4.82 10.13 -18.29
C MET A 140 4.94 11.40 -19.12
N ASP A 141 4.91 12.56 -18.46
CA ASP A 141 5.05 13.85 -19.15
C ASP A 141 6.50 14.18 -19.50
N LYS A 142 7.44 13.40 -18.96
CA LYS A 142 8.87 13.63 -19.18
C LYS A 142 9.23 13.17 -20.61
N ILE A 143 10.28 13.77 -21.19
CA ILE A 143 10.70 13.45 -22.57
C ILE A 143 11.16 11.99 -22.74
N GLY A 144 10.70 11.37 -23.82
CA GLY A 144 11.04 9.97 -24.10
C GLY A 144 10.28 8.95 -23.25
N ALA A 145 9.19 9.39 -22.62
CA ALA A 145 8.38 8.51 -21.77
C ALA A 145 7.58 7.54 -22.64
N ASP A 146 7.69 6.24 -22.32
CA ASP A 146 6.99 5.20 -23.07
C ASP A 146 6.31 4.24 -22.08
N PHE A 147 4.98 4.24 -22.09
CA PHE A 147 4.18 3.40 -21.19
C PHE A 147 4.21 1.91 -21.54
N LEU A 148 3.95 1.58 -22.80
CA LEU A 148 3.93 0.19 -23.24
C LEU A 148 5.26 -0.49 -22.98
N TYR A 149 6.35 0.24 -23.21
CA TYR A 149 7.70 -0.28 -23.00
C TYR A 149 7.92 -0.63 -21.53
N SER A 150 7.60 0.32 -20.66
CA SER A 150 7.75 0.14 -19.20
C SER A 150 6.97 -1.08 -18.70
N VAL A 151 5.74 -1.24 -19.20
CA VAL A 151 4.91 -2.39 -18.81
C VAL A 151 5.61 -3.67 -19.26
N GLY A 152 6.23 -3.62 -20.45
CA GLY A 152 6.94 -4.76 -20.99
C GLY A 152 8.10 -5.25 -20.15
N THR A 153 8.88 -4.31 -19.60
CA THR A 153 10.04 -4.67 -18.78
C THR A 153 9.68 -5.52 -17.54
N LEU A 154 8.48 -5.30 -16.99
CA LEU A 154 8.01 -6.05 -15.81
C LEU A 154 7.89 -7.55 -16.07
N ARG A 155 7.39 -7.90 -17.25
CA ARG A 155 7.22 -9.31 -17.60
C ARG A 155 8.54 -9.94 -18.03
N ASP A 156 9.44 -9.14 -18.59
CA ASP A 156 10.75 -9.63 -19.05
C ASP A 156 11.73 -9.76 -17.88
N ARG A 157 12.10 -8.64 -17.28
CA ARG A 157 13.05 -8.60 -16.16
C ARG A 157 12.57 -9.33 -14.89
N LEU A 158 11.53 -8.77 -14.28
CA LEU A 158 10.99 -9.31 -13.02
C LEU A 158 10.26 -10.63 -13.17
N GLN A 159 9.80 -10.94 -14.38
CA GLN A 159 9.08 -12.19 -14.66
C GLN A 159 7.77 -12.19 -13.85
N ALA A 160 7.11 -11.04 -13.85
CA ALA A 160 5.85 -10.83 -13.12
C ALA A 160 4.71 -10.77 -14.09
N ASN A 161 3.52 -11.14 -13.62
CA ASN A 161 2.32 -11.12 -14.45
C ASN A 161 1.70 -9.73 -14.36
N ALA A 162 2.38 -8.73 -14.92
CA ALA A 162 1.91 -7.35 -14.91
C ALA A 162 1.05 -7.07 -16.14
N HIS A 163 -0.07 -6.37 -15.92
CA HIS A 163 -1.00 -6.01 -16.99
C HIS A 163 -1.49 -4.59 -16.79
N ALA A 164 -1.71 -3.90 -17.89
CA ALA A 164 -2.17 -2.53 -17.86
C ALA A 164 -3.67 -2.46 -17.65
N ILE A 165 -4.08 -1.61 -16.73
CA ILE A 165 -5.50 -1.35 -16.45
C ILE A 165 -5.80 0.08 -16.88
N GLN A 166 -4.82 0.71 -17.54
CA GLN A 166 -4.93 2.07 -18.05
C GLN A 166 -4.10 2.23 -19.32
N LEU A 167 -4.45 3.24 -20.11
CA LEU A 167 -3.73 3.57 -21.34
C LEU A 167 -3.61 5.10 -21.37
N PRO A 168 -2.37 5.63 -21.38
CA PRO A 168 -2.24 7.09 -21.40
C PRO A 168 -2.58 7.72 -22.74
N ILE A 169 -3.16 8.92 -22.67
CA ILE A 169 -3.51 9.69 -23.85
C ILE A 169 -2.36 10.66 -24.08
N GLY A 170 -1.47 10.29 -25.00
CA GLY A 170 -0.30 11.12 -25.34
C GLY A 170 0.87 10.87 -24.43
N ALA A 171 2.03 11.40 -24.85
CA ALA A 171 3.28 11.27 -24.11
C ALA A 171 4.00 12.61 -24.13
N GLU A 172 5.03 12.77 -23.30
CA GLU A 172 5.78 14.02 -23.21
C GLU A 172 4.80 15.14 -22.85
N ASP A 173 4.98 16.37 -23.35
CA ASP A 173 4.02 17.43 -22.99
C ASP A 173 2.64 17.25 -23.70
N ASN A 174 2.52 16.22 -24.55
CA ASN A 174 1.25 15.89 -25.21
C ASN A 174 0.41 15.04 -24.24
N PHE A 175 1.03 14.58 -23.13
CA PHE A 175 0.34 13.78 -22.12
C PHE A 175 -0.80 14.63 -21.54
N GLU A 176 -1.98 14.39 -22.09
CA GLU A 176 -3.20 15.13 -21.80
C GLU A 176 -4.18 14.41 -20.87
N GLY A 177 -4.19 13.09 -20.89
CA GLY A 177 -5.12 12.32 -20.06
C GLY A 177 -4.80 10.86 -19.88
N ILE A 178 -5.71 10.15 -19.20
CA ILE A 178 -5.56 8.74 -18.90
C ILE A 178 -6.86 7.99 -19.15
N ILE A 179 -6.75 6.82 -19.77
CA ILE A 179 -7.89 5.98 -20.06
C ILE A 179 -7.98 4.90 -18.99
N ASP A 180 -9.16 4.75 -18.39
CA ASP A 180 -9.42 3.74 -17.39
C ASP A 180 -10.00 2.57 -18.17
N LEU A 181 -9.21 1.50 -18.33
CA LEU A 181 -9.66 0.33 -19.09
C LEU A 181 -10.73 -0.48 -18.38
N VAL A 182 -10.79 -0.40 -17.04
CA VAL A 182 -11.78 -1.13 -16.25
C VAL A 182 -13.16 -0.47 -16.41
N GLU A 183 -13.25 0.80 -16.03
CA GLU A 183 -14.50 1.57 -16.16
C GLU A 183 -14.84 1.80 -17.64
N ASN A 184 -13.81 1.71 -18.47
CA ASN A 184 -13.93 1.86 -19.93
C ASN A 184 -14.28 3.33 -20.27
N VAL A 185 -13.56 4.25 -19.62
CA VAL A 185 -13.75 5.70 -19.80
C VAL A 185 -12.41 6.43 -19.80
N ALA A 186 -12.46 7.71 -20.16
CA ALA A 186 -11.27 8.55 -20.22
C ALA A 186 -11.39 9.79 -19.34
N TYR A 187 -10.27 10.21 -18.77
CA TYR A 187 -10.19 11.41 -17.93
C TYR A 187 -9.19 12.35 -18.59
N PHE A 188 -9.42 13.65 -18.47
CA PHE A 188 -8.53 14.66 -19.06
C PHE A 188 -8.04 15.65 -18.01
N TYR A 189 -6.78 16.07 -18.15
CA TYR A 189 -6.16 16.99 -17.22
C TYR A 189 -5.69 18.25 -17.94
N GLU A 190 -6.16 19.41 -17.47
CA GLU A 190 -5.81 20.70 -18.03
C GLU A 190 -4.43 21.19 -17.56
N ASP A 191 -3.84 20.46 -16.61
CA ASP A 191 -2.52 20.77 -16.02
C ASP A 191 -2.64 22.05 -15.18
N ASP A 192 -3.51 21.96 -14.18
CA ASP A 192 -3.80 23.06 -13.26
C ASP A 192 -4.11 22.50 -11.86
N LEU A 193 -4.54 23.37 -10.94
CA LEU A 193 -4.87 22.96 -9.57
C LEU A 193 -6.12 22.07 -9.55
N GLY A 194 -7.07 22.35 -10.45
CA GLY A 194 -8.31 21.55 -10.56
C GLY A 194 -7.99 20.13 -10.97
N THR A 195 -7.05 19.99 -11.91
CA THR A 195 -6.57 18.71 -12.41
C THR A 195 -7.66 17.84 -13.08
N ARG A 196 -8.37 17.05 -12.27
CA ARG A 196 -9.40 16.11 -12.78
C ARG A 196 -10.58 16.78 -13.50
N SER A 197 -11.20 16.00 -14.38
CA SER A 197 -12.37 16.40 -15.13
C SER A 197 -13.34 15.23 -15.11
N ASP A 198 -14.55 15.43 -15.62
CA ASP A 198 -15.56 14.37 -15.65
C ASP A 198 -15.09 13.21 -16.53
N ALA A 199 -15.76 12.07 -16.39
CA ALA A 199 -15.42 10.88 -17.15
C ALA A 199 -16.16 10.86 -18.50
N LYS A 200 -15.50 11.39 -19.53
CA LYS A 200 -16.09 11.39 -20.88
C LYS A 200 -15.74 10.11 -21.62
N GLU A 201 -16.36 9.95 -22.78
CA GLU A 201 -16.17 8.79 -23.63
C GLU A 201 -14.72 8.74 -24.13
N ILE A 202 -14.24 7.54 -24.48
CA ILE A 202 -12.88 7.36 -24.97
C ILE A 202 -12.76 8.02 -26.36
N PRO A 203 -11.67 8.78 -26.61
CA PRO A 203 -11.53 9.42 -27.93
C PRO A 203 -11.47 8.41 -29.08
N GLU A 204 -12.01 8.77 -30.24
CA GLU A 204 -12.04 7.89 -31.41
C GLU A 204 -10.68 7.33 -31.82
N GLU A 205 -9.65 8.16 -31.80
CA GLU A 205 -8.32 7.69 -32.21
C GLU A 205 -7.68 6.68 -31.23
N TYR A 206 -8.26 6.52 -30.04
CA TYR A 206 -7.76 5.55 -29.03
C TYR A 206 -8.67 4.34 -28.79
N LYS A 207 -9.87 4.31 -29.38
CA LYS A 207 -10.82 3.19 -29.15
C LYS A 207 -10.35 1.80 -29.55
N GLU A 208 -9.73 1.67 -30.73
CA GLU A 208 -9.25 0.36 -31.18
C GLU A 208 -8.24 -0.24 -30.23
N GLN A 209 -7.26 0.55 -29.80
CA GLN A 209 -6.23 0.06 -28.89
C GLN A 209 -6.83 -0.18 -27.50
N ALA A 210 -7.74 0.70 -27.10
CA ALA A 210 -8.40 0.60 -25.79
C ALA A 210 -9.14 -0.72 -25.63
N GLU A 211 -9.98 -1.08 -26.61
CA GLU A 211 -10.72 -2.35 -26.53
C GLU A 211 -9.78 -3.54 -26.65
N GLU A 212 -8.71 -3.37 -27.41
CA GLU A 212 -7.72 -4.42 -27.61
C GLU A 212 -7.02 -4.72 -26.29
N LEU A 213 -6.65 -3.67 -25.55
CA LEU A 213 -6.01 -3.84 -24.24
C LEU A 213 -7.00 -4.25 -23.17
N ARG A 214 -8.24 -3.78 -23.29
CA ARG A 214 -9.27 -4.13 -22.32
C ARG A 214 -9.59 -5.61 -22.44
N ASN A 215 -9.69 -6.11 -23.67
CA ASN A 215 -9.96 -7.52 -23.91
C ASN A 215 -8.77 -8.37 -23.45
N SER A 216 -7.55 -7.85 -23.61
CA SER A 216 -6.34 -8.55 -23.14
C SER A 216 -6.35 -8.65 -21.63
N LEU A 217 -6.82 -7.58 -20.98
CA LEU A 217 -6.95 -7.52 -19.53
C LEU A 217 -7.99 -8.51 -19.05
N ILE A 218 -9.15 -8.52 -19.71
CA ILE A 218 -10.23 -9.44 -19.37
C ILE A 218 -9.77 -10.91 -19.45
N GLU A 219 -8.99 -11.26 -20.48
CA GLU A 219 -8.49 -12.63 -20.61
C GLU A 219 -7.53 -13.00 -19.48
N ALA A 220 -6.64 -12.07 -19.13
CA ALA A 220 -5.68 -12.30 -18.06
C ALA A 220 -6.40 -12.61 -16.75
N VAL A 221 -7.44 -11.83 -16.47
CA VAL A 221 -8.23 -12.00 -15.24
C VAL A 221 -9.05 -13.29 -15.27
N CYS A 222 -9.56 -13.68 -16.44
CA CYS A 222 -10.33 -14.93 -16.53
C CYS A 222 -9.51 -16.14 -16.10
N GLU A 223 -8.19 -16.09 -16.29
CA GLU A 223 -7.31 -17.19 -15.88
C GLU A 223 -7.04 -17.21 -14.36
N LEU A 224 -7.55 -16.22 -13.63
CA LEU A 224 -7.38 -16.14 -12.17
C LEU A 224 -8.61 -16.63 -11.38
N ASP A 225 -9.78 -16.66 -12.04
CA ASP A 225 -11.01 -17.11 -11.41
C ASP A 225 -11.86 -17.87 -12.44
N GLU A 226 -12.10 -19.16 -12.19
CA GLU A 226 -12.88 -20.00 -13.10
C GLU A 226 -14.30 -19.51 -13.38
N GLU A 227 -14.91 -18.85 -12.39
CA GLU A 227 -16.27 -18.32 -12.55
C GLU A 227 -16.32 -17.29 -13.70
N LEU A 228 -15.25 -16.51 -13.86
CA LEU A 228 -15.16 -15.51 -14.93
C LEU A 228 -14.84 -16.14 -16.28
N MET A 229 -14.06 -17.22 -16.26
CA MET A 229 -13.70 -17.92 -17.49
C MET A 229 -14.95 -18.52 -18.12
N ASP A 230 -15.81 -19.13 -17.29
CA ASP A 230 -17.06 -19.75 -17.77
C ASP A 230 -17.95 -18.74 -18.50
N LYS A 231 -18.13 -17.56 -17.90
CA LYS A 231 -18.94 -16.51 -18.49
C LYS A 231 -18.32 -16.01 -19.80
N TYR A 232 -16.98 -15.93 -19.83
CA TYR A 232 -16.24 -15.48 -21.00
C TYR A 232 -16.36 -16.46 -22.17
N LEU A 233 -16.27 -17.76 -21.87
CA LEU A 233 -16.38 -18.81 -22.88
C LEU A 233 -17.81 -18.92 -23.43
N GLU A 234 -18.80 -18.75 -22.56
CA GLU A 234 -20.22 -18.81 -22.96
C GLU A 234 -20.69 -17.56 -23.71
N GLY A 235 -19.84 -16.54 -23.78
CA GLY A 235 -20.19 -15.30 -24.48
C GLY A 235 -20.89 -14.27 -23.62
N GLU A 236 -21.11 -14.58 -22.34
CA GLU A 236 -21.79 -13.64 -21.43
C GLU A 236 -20.85 -12.51 -21.02
N GLU A 237 -21.40 -11.32 -20.85
CA GLU A 237 -20.62 -10.15 -20.51
C GLU A 237 -20.13 -10.17 -19.05
N ILE A 238 -18.90 -9.69 -18.87
CA ILE A 238 -18.26 -9.59 -17.56
C ILE A 238 -18.48 -8.15 -17.11
N THR A 239 -19.18 -7.96 -15.98
CA THR A 239 -19.45 -6.62 -15.48
C THR A 239 -18.18 -5.93 -14.99
N ILE A 240 -18.27 -4.62 -14.80
CA ILE A 240 -17.14 -3.84 -14.31
C ILE A 240 -16.74 -4.27 -12.89
N ASP A 241 -17.71 -4.53 -12.01
CA ASP A 241 -17.42 -4.97 -10.65
C ASP A 241 -16.82 -6.38 -10.61
N GLU A 242 -17.27 -7.26 -11.50
CA GLU A 242 -16.71 -8.62 -11.58
C GLU A 242 -15.24 -8.60 -12.00
N LEU A 243 -14.92 -7.67 -12.90
CA LEU A 243 -13.56 -7.49 -13.38
C LEU A 243 -12.70 -6.94 -12.23
N LYS A 244 -13.23 -5.98 -11.47
CA LYS A 244 -12.49 -5.44 -10.32
C LYS A 244 -12.21 -6.52 -9.29
N ALA A 245 -13.22 -7.33 -9.01
CA ALA A 245 -13.09 -8.42 -8.03
C ALA A 245 -12.00 -9.40 -8.46
N GLY A 246 -12.00 -9.75 -9.75
CA GLY A 246 -11.01 -10.65 -10.30
C GLY A 246 -9.61 -10.10 -10.13
N ILE A 247 -9.43 -8.83 -10.51
CA ILE A 247 -8.14 -8.15 -10.40
C ILE A 247 -7.70 -8.15 -8.94
N ARG A 248 -8.62 -7.80 -8.04
CA ARG A 248 -8.33 -7.77 -6.61
C ARG A 248 -7.90 -9.15 -6.16
N LYS A 249 -8.72 -10.15 -6.47
CA LYS A 249 -8.46 -11.55 -6.08
C LYS A 249 -7.05 -11.98 -6.51
N GLY A 250 -6.68 -11.61 -7.74
CA GLY A 250 -5.36 -11.96 -8.27
C GLY A 250 -4.25 -11.17 -7.63
N THR A 251 -4.50 -9.88 -7.40
CA THR A 251 -3.53 -9.00 -6.77
C THR A 251 -3.27 -9.45 -5.33
N LEU A 252 -4.34 -9.80 -4.61
CA LEU A 252 -4.21 -10.28 -3.22
C LEU A 252 -3.41 -11.60 -3.12
N ASN A 253 -3.56 -12.48 -4.12
CA ASN A 253 -2.86 -13.77 -4.13
C ASN A 253 -1.44 -13.64 -4.69
N VAL A 254 -1.02 -12.41 -4.98
CA VAL A 254 0.33 -12.11 -5.49
C VAL A 254 0.59 -12.79 -6.86
N GLU A 255 -0.49 -13.00 -7.63
CA GLU A 255 -0.44 -13.61 -8.96
C GLU A 255 -0.66 -12.58 -10.07
N PHE A 256 -0.99 -11.33 -9.70
CA PHE A 256 -1.29 -10.29 -10.68
C PHE A 256 -0.78 -8.93 -10.20
N TYR A 257 -0.42 -8.07 -11.15
CA TYR A 257 0.08 -6.74 -10.83
C TYR A 257 -0.56 -5.70 -11.75
N PRO A 258 -1.62 -5.02 -11.29
CA PRO A 258 -2.24 -4.00 -12.14
C PRO A 258 -1.24 -2.86 -12.34
N VAL A 259 -1.18 -2.33 -13.56
CA VAL A 259 -0.25 -1.25 -13.90
C VAL A 259 -1.00 0.01 -14.29
N LEU A 260 -0.69 1.11 -13.61
CA LEU A 260 -1.30 2.41 -13.86
C LEU A 260 -0.24 3.35 -14.45
N VAL A 261 -0.67 4.53 -14.86
CA VAL A 261 0.22 5.53 -15.45
C VAL A 261 -0.12 6.92 -14.95
N GLY A 262 0.86 7.82 -15.00
CA GLY A 262 0.63 9.19 -14.57
C GLY A 262 1.90 10.01 -14.46
N SER A 263 1.72 11.25 -14.02
CA SER A 263 2.82 12.19 -13.82
C SER A 263 2.67 12.80 -12.43
N ALA A 264 3.42 12.25 -11.47
CA ALA A 264 3.40 12.74 -10.09
C ALA A 264 3.98 14.14 -10.00
N PHE A 265 4.89 14.48 -10.92
CA PHE A 265 5.52 15.79 -10.92
C PHE A 265 4.54 16.91 -11.28
N LYS A 266 3.67 16.68 -12.27
CA LYS A 266 2.65 17.69 -12.67
C LYS A 266 1.23 17.34 -12.18
N ASN A 267 1.16 16.41 -11.22
CA ASN A 267 -0.09 15.97 -10.60
C ASN A 267 -1.15 15.51 -11.60
N LYS A 268 -0.97 14.29 -12.12
CA LYS A 268 -1.89 13.67 -13.07
C LYS A 268 -1.93 12.16 -12.85
N GLY A 269 -3.10 11.64 -12.52
CA GLY A 269 -3.28 10.19 -12.30
C GLY A 269 -3.03 9.72 -10.88
N VAL A 270 -2.70 10.63 -9.97
CA VAL A 270 -2.42 10.26 -8.57
C VAL A 270 -3.68 9.82 -7.82
N GLN A 271 -4.81 10.49 -8.09
CA GLN A 271 -6.08 10.13 -7.43
C GLN A 271 -6.55 8.73 -7.87
N LEU A 272 -6.26 8.38 -9.12
CA LEU A 272 -6.61 7.08 -9.66
C LEU A 272 -5.81 5.97 -8.95
N VAL A 273 -4.57 6.29 -8.58
CA VAL A 273 -3.73 5.34 -7.85
C VAL A 273 -4.37 5.09 -6.49
N LEU A 274 -4.85 6.16 -5.84
CA LEU A 274 -5.52 6.03 -4.55
C LEU A 274 -6.77 5.17 -4.68
N ASP A 275 -7.49 5.34 -5.79
CA ASP A 275 -8.69 4.53 -6.05
C ASP A 275 -8.28 3.07 -6.21
N ALA A 276 -7.13 2.84 -6.86
CA ALA A 276 -6.60 1.49 -7.06
C ALA A 276 -6.13 0.86 -5.75
N VAL A 277 -5.69 1.70 -4.80
CA VAL A 277 -5.29 1.19 -3.50
C VAL A 277 -6.53 0.61 -2.82
N LEU A 278 -7.64 1.34 -2.88
CA LEU A 278 -8.90 0.87 -2.29
C LEU A 278 -9.40 -0.35 -3.02
N ASP A 279 -9.38 -0.29 -4.35
CA ASP A 279 -9.88 -1.37 -5.19
C ASP A 279 -9.06 -2.66 -5.16
N TYR A 280 -7.73 -2.54 -5.21
CA TYR A 280 -6.89 -3.74 -5.34
C TYR A 280 -5.89 -4.09 -4.25
N LEU A 281 -5.57 -3.16 -3.35
CA LEU A 281 -4.62 -3.47 -2.26
C LEU A 281 -5.37 -4.06 -1.06
N PRO A 282 -4.70 -4.92 -0.28
CA PRO A 282 -5.33 -5.59 0.85
C PRO A 282 -5.61 -4.77 2.09
N ALA A 283 -6.60 -5.22 2.83
CA ALA A 283 -6.94 -4.66 4.10
C ALA A 283 -6.23 -5.60 5.06
N PRO A 284 -6.00 -5.19 6.32
CA PRO A 284 -5.32 -6.06 7.29
C PRO A 284 -5.80 -7.52 7.28
N THR A 285 -7.12 -7.70 7.15
CA THR A 285 -7.73 -9.04 7.13
C THR A 285 -7.43 -9.84 5.86
N ASP A 286 -7.05 -9.16 4.78
CA ASP A 286 -6.76 -9.85 3.49
C ASP A 286 -5.41 -10.57 3.41
N VAL A 287 -4.54 -10.37 4.40
CA VAL A 287 -3.24 -11.08 4.46
C VAL A 287 -3.26 -12.03 5.64
N ALA A 288 -2.41 -13.06 5.58
CA ALA A 288 -2.35 -14.09 6.62
C ALA A 288 -2.11 -13.53 8.01
N ALA A 289 -2.64 -14.22 9.02
CA ALA A 289 -2.46 -13.82 10.42
C ALA A 289 -0.97 -13.95 10.71
N ILE A 290 -0.42 -12.95 11.39
CA ILE A 290 1.01 -12.94 11.68
C ILE A 290 1.40 -14.07 12.66
N LYS A 291 2.55 -14.69 12.43
CA LYS A 291 3.04 -15.79 13.26
C LYS A 291 4.06 -15.32 14.30
N GLY A 292 3.91 -15.85 15.52
CA GLY A 292 4.79 -15.52 16.63
C GLY A 292 5.09 -16.75 17.46
N THR A 293 5.65 -16.53 18.64
CA THR A 293 6.00 -17.61 19.53
C THR A 293 5.90 -17.16 20.98
N ARG A 294 5.61 -18.10 21.88
CA ARG A 294 5.54 -17.77 23.29
C ARG A 294 6.96 -17.74 23.82
N PRO A 295 7.28 -16.75 24.68
CA PRO A 295 8.65 -16.69 25.20
C PRO A 295 9.00 -17.92 26.02
N ASP A 296 10.27 -18.33 25.95
CA ASP A 296 10.81 -19.50 26.66
C ASP A 296 10.36 -20.85 26.07
N THR A 297 9.64 -20.85 24.94
CA THR A 297 9.17 -22.08 24.30
C THR A 297 9.26 -22.02 22.78
N ASN A 298 9.10 -23.18 22.16
CA ASN A 298 9.14 -23.31 20.71
C ASN A 298 7.72 -23.39 20.14
N GLU A 299 6.72 -22.94 20.92
CA GLU A 299 5.33 -22.99 20.49
C GLU A 299 5.01 -21.91 19.44
N GLU A 300 4.50 -22.33 18.30
CA GLU A 300 4.12 -21.43 17.21
C GLU A 300 2.70 -20.91 17.48
N ILE A 301 2.56 -19.59 17.50
CA ILE A 301 1.27 -18.91 17.76
C ILE A 301 0.90 -18.05 16.55
N GLU A 302 -0.38 -17.74 16.43
CA GLU A 302 -0.88 -16.87 15.35
C GLU A 302 -1.85 -15.86 15.91
N ARG A 303 -1.68 -14.61 15.50
CA ARG A 303 -2.53 -13.51 15.93
C ARG A 303 -3.34 -12.99 14.74
N HIS A 304 -4.65 -13.24 14.80
CA HIS A 304 -5.59 -12.82 13.77
C HIS A 304 -5.81 -11.32 13.86
N SER A 305 -5.99 -10.68 12.71
CA SER A 305 -6.25 -9.23 12.66
C SER A 305 -7.68 -8.96 13.13
N SER A 306 -7.85 -8.90 14.44
CA SER A 306 -9.15 -8.67 15.06
C SER A 306 -9.04 -8.00 16.41
N ASP A 307 -10.10 -7.30 16.80
CA ASP A 307 -10.15 -6.60 18.07
C ASP A 307 -10.47 -7.53 19.27
N GLU A 308 -11.13 -8.66 18.99
CA GLU A 308 -11.49 -9.63 20.04
C GLU A 308 -10.30 -10.42 20.58
N GLU A 309 -9.17 -10.41 19.88
CA GLU A 309 -7.96 -11.12 20.33
C GLU A 309 -7.07 -10.31 21.29
N PRO A 310 -6.11 -10.98 21.96
CA PRO A 310 -5.24 -10.26 22.89
C PRO A 310 -4.34 -9.32 22.11
N PHE A 311 -4.04 -8.17 22.69
CA PHE A 311 -3.21 -7.17 22.02
C PHE A 311 -1.80 -7.65 21.68
N SER A 312 -1.37 -7.35 20.45
CA SER A 312 -0.02 -7.67 19.99
C SER A 312 0.32 -6.61 18.93
N ALA A 313 1.56 -6.13 18.98
CA ALA A 313 2.02 -5.10 18.06
C ALA A 313 3.53 -5.17 17.87
N LEU A 314 3.98 -4.72 16.71
CA LEU A 314 5.40 -4.70 16.38
C LEU A 314 5.88 -3.26 16.28
N ALA A 315 6.89 -2.91 17.07
CA ALA A 315 7.47 -1.58 17.01
C ALA A 315 8.37 -1.61 15.77
N PHE A 316 8.36 -0.57 14.95
CA PHE A 316 9.17 -0.58 13.72
C PHE A 316 10.02 0.67 13.48
N LYS A 317 9.92 1.67 14.35
CA LYS A 317 10.70 2.89 14.17
C LYS A 317 10.68 3.71 15.45
N VAL A 318 11.85 4.17 15.91
CA VAL A 318 11.94 5.01 17.09
C VAL A 318 12.46 6.36 16.61
N MET A 319 11.63 7.40 16.70
CA MET A 319 11.98 8.74 16.23
C MET A 319 12.14 9.74 17.37
N THR A 320 13.15 10.60 17.24
CA THR A 320 13.42 11.65 18.20
C THR A 320 12.60 12.88 17.80
N ASP A 321 11.40 12.99 18.36
CA ASP A 321 10.48 14.09 18.07
C ASP A 321 10.89 15.35 18.84
N PRO A 322 10.75 16.55 18.22
CA PRO A 322 11.11 17.79 18.93
C PRO A 322 10.10 18.24 20.00
N TYR A 323 8.83 17.89 19.87
CA TYR A 323 7.79 18.28 20.84
C TYR A 323 7.63 17.30 22.00
N VAL A 324 7.33 16.04 21.70
CA VAL A 324 7.14 15.01 22.75
C VAL A 324 8.42 14.25 23.13
N GLY A 325 9.53 14.57 22.46
CA GLY A 325 10.83 13.97 22.78
C GLY A 325 11.22 12.64 22.15
N LYS A 326 10.35 11.64 22.26
CA LYS A 326 10.67 10.32 21.73
C LYS A 326 9.41 9.54 21.33
N LEU A 327 9.27 9.29 20.03
CA LEU A 327 8.14 8.55 19.48
C LEU A 327 8.55 7.15 19.07
N THR A 328 7.71 6.17 19.40
CA THR A 328 7.94 4.79 19.05
C THR A 328 6.75 4.35 18.21
N PHE A 329 6.96 4.25 16.90
CA PHE A 329 5.91 3.83 15.99
C PHE A 329 5.70 2.33 16.08
N PHE A 330 4.44 1.91 15.97
CA PHE A 330 4.09 0.49 16.04
C PHE A 330 2.87 0.13 15.20
N ARG A 331 2.89 -1.10 14.67
CA ARG A 331 1.80 -1.65 13.88
C ARG A 331 1.06 -2.63 14.76
N VAL A 332 -0.23 -2.40 14.97
CA VAL A 332 -1.05 -3.29 15.79
C VAL A 332 -1.54 -4.41 14.89
N TYR A 333 -1.26 -5.65 15.27
CA TYR A 333 -1.72 -6.79 14.49
C TYR A 333 -3.02 -7.35 15.05
N SER A 334 -3.11 -7.43 16.38
CA SER A 334 -4.31 -7.94 17.03
C SER A 334 -4.66 -7.11 18.26
N GLY A 335 -5.93 -7.22 18.66
CA GLY A 335 -6.45 -6.54 19.83
C GLY A 335 -6.55 -5.04 19.77
N THR A 336 -6.77 -4.44 20.95
CA THR A 336 -6.92 -3.02 21.11
C THR A 336 -6.06 -2.57 22.27
N LEU A 337 -5.77 -1.28 22.33
CA LEU A 337 -4.95 -0.74 23.39
C LEU A 337 -5.43 0.66 23.75
N ASP A 338 -5.60 0.89 25.05
CA ASP A 338 -6.03 2.19 25.56
C ASP A 338 -4.80 2.95 26.03
N SER A 339 -4.85 4.28 25.89
CA SER A 339 -3.75 5.13 26.32
C SER A 339 -3.61 5.06 27.83
N GLY A 340 -2.38 5.21 28.31
CA GLY A 340 -2.08 5.19 29.74
C GLY A 340 -2.18 3.82 30.38
N SER A 341 -2.04 2.76 29.59
CA SER A 341 -2.11 1.40 30.11
C SER A 341 -0.80 0.64 29.85
N TYR A 342 -0.52 -0.33 30.72
CA TYR A 342 0.67 -1.17 30.60
C TYR A 342 0.53 -2.30 29.58
N VAL A 343 1.67 -2.69 29.03
CA VAL A 343 1.80 -3.79 28.07
C VAL A 343 3.16 -4.39 28.34
N LYS A 344 3.47 -5.54 27.73
CA LYS A 344 4.78 -6.13 27.94
C LYS A 344 5.60 -6.11 26.67
N ASN A 345 6.86 -5.72 26.81
CA ASN A 345 7.79 -5.72 25.71
C ASN A 345 8.34 -7.13 25.83
N SER A 346 7.64 -8.07 25.18
CA SER A 346 7.99 -9.48 25.22
C SER A 346 9.39 -9.79 24.68
N THR A 347 9.87 -8.97 23.75
CA THR A 347 11.21 -9.17 23.19
C THR A 347 12.28 -8.96 24.24
N LYS A 348 12.07 -7.99 25.13
CA LYS A 348 13.05 -7.69 26.18
C LYS A 348 12.63 -8.17 27.58
N GLY A 349 11.39 -8.63 27.74
CA GLY A 349 10.89 -9.11 29.03
C GLY A 349 10.78 -7.99 30.06
N LYS A 350 10.18 -6.88 29.65
CA LYS A 350 10.01 -5.70 30.50
C LYS A 350 8.60 -5.16 30.36
N ARG A 351 8.11 -4.47 31.40
CA ARG A 351 6.80 -3.85 31.32
C ARG A 351 7.00 -2.44 30.79
N GLU A 352 6.11 -2.01 29.90
CA GLU A 352 6.15 -0.68 29.31
C GLU A 352 4.79 -0.03 29.49
N ARG A 353 4.79 1.27 29.79
CA ARG A 353 3.55 2.00 29.95
C ARG A 353 3.37 2.92 28.75
N VAL A 354 2.35 2.63 27.93
CA VAL A 354 2.04 3.43 26.76
C VAL A 354 1.28 4.65 27.29
N GLY A 355 2.01 5.73 27.51
CA GLY A 355 1.44 6.96 28.04
C GLY A 355 0.42 7.59 27.12
N ARG A 356 0.90 8.11 26.00
CA ARG A 356 0.05 8.74 25.02
C ARG A 356 0.20 8.05 23.68
N ILE A 357 -0.89 8.02 22.93
CA ILE A 357 -0.91 7.40 21.62
C ILE A 357 -1.20 8.51 20.62
N LEU A 358 -0.30 8.71 19.67
CA LEU A 358 -0.44 9.75 18.65
C LEU A 358 -0.45 9.19 17.23
N GLN A 359 -1.16 9.90 16.37
CA GLN A 359 -1.25 9.57 14.95
C GLN A 359 -0.81 10.80 14.22
N MET A 360 0.27 10.66 13.47
CA MET A 360 0.85 11.76 12.73
C MET A 360 0.13 11.96 11.39
N HIS A 361 -0.72 12.99 11.32
CA HIS A 361 -1.43 13.31 10.08
C HIS A 361 -0.53 14.15 9.17
N ALA A 362 -1.03 14.50 7.99
CA ALA A 362 -0.25 15.29 7.03
C ALA A 362 0.12 16.67 7.56
N ASN A 363 -0.85 17.37 8.14
CA ASN A 363 -0.64 18.72 8.66
C ASN A 363 -0.87 18.91 10.17
N SER A 364 -0.97 17.81 10.92
CA SER A 364 -1.21 17.89 12.36
C SER A 364 -0.98 16.55 13.07
N ARG A 365 -1.17 16.56 14.39
CA ARG A 365 -1.05 15.38 15.22
C ARG A 365 -2.35 15.21 15.97
N GLU A 366 -2.80 13.97 16.11
CA GLU A 366 -4.03 13.69 16.82
C GLU A 366 -3.72 12.73 17.93
N GLU A 367 -4.14 13.09 19.14
CA GLU A 367 -3.94 12.25 20.30
C GLU A 367 -5.16 11.37 20.38
N ILE A 368 -4.98 10.06 20.30
CA ILE A 368 -6.10 9.12 20.38
C ILE A 368 -6.12 8.37 21.72
N SER A 369 -7.33 8.05 22.17
CA SER A 369 -7.55 7.33 23.42
C SER A 369 -7.40 5.83 23.24
N THR A 370 -7.63 5.35 22.02
CA THR A 370 -7.55 3.92 21.75
C THR A 370 -7.10 3.63 20.32
N VAL A 371 -6.21 2.66 20.18
CA VAL A 371 -5.72 2.21 18.86
C VAL A 371 -6.25 0.78 18.71
N TYR A 372 -6.70 0.43 17.50
CA TYR A 372 -7.26 -0.90 17.23
C TYR A 372 -6.39 -1.76 16.31
N ALA A 373 -6.79 -3.01 16.13
CA ALA A 373 -6.06 -3.95 15.29
C ALA A 373 -5.95 -3.48 13.84
N GLY A 374 -4.78 -3.71 13.24
CA GLY A 374 -4.50 -3.32 11.86
C GLY A 374 -4.28 -1.83 11.67
N ASP A 375 -4.03 -1.11 12.75
CA ASP A 375 -3.82 0.33 12.66
C ASP A 375 -2.36 0.65 13.04
N ILE A 376 -1.94 1.89 12.81
CA ILE A 376 -0.58 2.32 13.10
C ILE A 376 -0.60 3.62 13.90
N ALA A 377 0.23 3.68 14.92
CA ALA A 377 0.34 4.85 15.78
C ALA A 377 1.72 4.93 16.41
N ALA A 378 1.96 6.01 17.14
CA ALA A 378 3.23 6.23 17.83
C ALA A 378 2.97 6.38 19.32
N ALA A 379 3.69 5.60 20.13
CA ALA A 379 3.53 5.63 21.58
C ALA A 379 4.56 6.55 22.24
N VAL A 380 4.11 7.27 23.27
CA VAL A 380 4.96 8.17 24.05
C VAL A 380 5.10 7.54 25.43
N GLY A 381 6.31 7.59 25.98
CA GLY A 381 6.59 7.05 27.32
C GLY A 381 7.32 5.72 27.39
N LEU A 382 7.71 5.17 26.24
CA LEU A 382 8.43 3.89 26.26
C LEU A 382 9.89 4.14 26.57
N LYS A 383 10.47 3.26 27.38
CA LYS A 383 11.87 3.40 27.83
C LYS A 383 12.85 2.46 27.17
N ASP A 384 12.54 1.17 27.16
CA ASP A 384 13.43 0.13 26.61
C ASP A 384 13.08 -0.40 25.22
N THR A 385 11.92 -0.05 24.67
CA THR A 385 11.49 -0.56 23.37
C THR A 385 12.21 0.03 22.16
N THR A 386 12.67 -0.85 21.27
CA THR A 386 13.37 -0.46 20.04
C THR A 386 12.79 -1.20 18.84
N THR A 387 13.22 -0.77 17.65
CA THR A 387 12.74 -1.33 16.39
C THR A 387 12.83 -2.85 16.38
N GLY A 388 11.72 -3.49 16.02
CA GLY A 388 11.63 -4.95 15.96
C GLY A 388 11.04 -5.63 17.17
N ASP A 389 10.97 -4.93 18.30
CA ASP A 389 10.41 -5.50 19.52
C ASP A 389 8.90 -5.68 19.41
N THR A 390 8.41 -6.64 20.17
CA THR A 390 7.00 -6.97 20.23
C THR A 390 6.41 -6.40 21.51
N LEU A 391 5.24 -5.77 21.39
CA LEU A 391 4.51 -5.23 22.53
C LEU A 391 3.25 -6.07 22.56
N CYS A 392 2.90 -6.61 23.72
CA CYS A 392 1.70 -7.44 23.81
C CYS A 392 1.01 -7.39 25.18
N ASP A 393 -0.16 -8.00 25.23
CA ASP A 393 -0.96 -8.10 26.45
C ASP A 393 -0.16 -8.94 27.44
N GLU A 394 0.01 -8.41 28.65
CA GLU A 394 0.77 -9.10 29.71
C GLU A 394 0.24 -10.50 30.07
N LYS A 395 -1.05 -10.73 29.83
CA LYS A 395 -1.70 -12.00 30.16
C LYS A 395 -1.67 -13.07 29.06
N ASP A 396 -1.27 -12.68 27.85
CA ASP A 396 -1.17 -13.63 26.74
C ASP A 396 0.04 -13.16 25.93
N LEU A 397 1.21 -13.68 26.31
CA LEU A 397 2.49 -13.30 25.72
C LEU A 397 2.78 -13.90 24.35
N VAL A 398 3.51 -13.13 23.54
CA VAL A 398 3.89 -13.54 22.19
C VAL A 398 5.02 -12.65 21.66
N ILE A 399 5.95 -13.24 20.92
CA ILE A 399 7.04 -12.51 20.28
C ILE A 399 6.85 -12.79 18.79
N LEU A 400 6.63 -11.71 18.03
CA LEU A 400 6.39 -11.79 16.59
C LEU A 400 7.66 -11.93 15.76
N GLU A 401 8.76 -11.34 16.23
CA GLU A 401 10.05 -11.41 15.51
C GLU A 401 11.04 -12.36 16.19
N SER A 402 11.72 -13.18 15.38
CA SER A 402 12.69 -14.17 15.87
C SER A 402 13.98 -13.54 16.39
N MET A 403 14.42 -14.00 17.57
CA MET A 403 15.66 -13.51 18.20
C MET A 403 16.08 -14.48 19.30
#